data_4CD8
#
_entry.id   4CD8
#
_cell.length_a   43.820
_cell.length_b   75.890
_cell.length_c   91.480
_cell.angle_alpha   90.00
_cell.angle_beta   90.00
_cell.angle_gamma   90.00
#
_symmetry.space_group_name_H-M   'P 21 21 21'
#
loop_
_entity.id
_entity.type
_entity.pdbx_description
1 polymer ENDO-BETA-1,4-MANNANASE
2 non-polymer (5R,6R,7S,8R)-5-(HYDROXYMETHYL)-5,6,7,8-TETRAHYDROIMIDAZO[1,2-A]PYRIDINE-6,7,8-TRIOL
3 non-polymer beta-D-mannopyranose
4 water water
#
_entity_poly.entity_id   1
_entity_poly.type   'polypeptide(L)'
_entity_poly.pdbx_seq_one_letter_code
;MGRIESAFDLGFIRGMTFGFVGQHGTWGTDEARASMRALAEQPFNWVTLAFAGLMEHPGDPAIAYGPPVTVSDDEIASMA
ELAHALGLKVCLKPTVNCRDGTWRGEIRFEKEHGPDLESWEAWFGSYSDMMAHYAHVAKRTGCEMFCVGCEMTTAEPHEA
MWRETIARVRTEYDGLVTYNCNHGREEHVRFWDAVDLISSSAYYPIDRWRDRVPVLREVAEAHEKPLFFMEVGCPSRSGS
GACPWDYRHPGAVCLDEQARFYEAMFAAMPDEPWFKGYMLWEWPWKLYPREAASEDGSYCIYGKPAEDVVARAFSAIANR
;
_entity_poly.pdbx_strand_id   A
#
loop_
_chem_comp.id
_chem_comp.type
_chem_comp.name
_chem_comp.formula
BMA D-saccharide, beta linking beta-D-mannopyranose 'C6 H12 O6'
MVL non-polymer (5R,6R,7S,8R)-5-(HYDROXYMETHYL)-5,6,7,8-TETRAHYDROIMIDAZO[1,2-A]PYRIDINE-6,7,8-TRIOL 'C8 H12 N2 O4'
#
# COMPACT_ATOMS: atom_id res chain seq x y z
N SER A 6 -16.01 10.06 10.87
CA SER A 6 -15.62 8.73 10.30
C SER A 6 -14.19 8.82 9.76
N ALA A 7 -14.06 9.53 8.64
N ALA A 7 -14.04 9.55 8.66
CA ALA A 7 -12.79 9.80 8.00
CA ALA A 7 -12.73 9.76 8.06
C ALA A 7 -12.15 11.03 8.62
C ALA A 7 -12.31 11.22 8.15
N PHE A 8 -12.95 12.02 8.97
CA PHE A 8 -12.38 13.31 9.36
C PHE A 8 -11.65 13.16 10.71
N ASP A 9 -12.22 12.36 11.61
CA ASP A 9 -11.65 12.12 12.93
C ASP A 9 -11.11 10.70 13.10
N LEU A 10 -10.87 10.03 11.98
CA LEU A 10 -10.00 8.86 11.99
C LEU A 10 -8.76 9.19 12.80
N GLY A 11 -8.32 8.27 13.66
CA GLY A 11 -7.09 8.47 14.38
C GLY A 11 -5.89 8.46 13.43
N PHE A 12 -4.91 9.28 13.75
CA PHE A 12 -3.71 9.41 12.91
C PHE A 12 -3.09 8.06 12.74
N ILE A 13 -2.74 7.72 11.49
CA ILE A 13 -2.28 6.39 11.12
C ILE A 13 -0.77 6.26 11.32
N ARG A 14 -0.43 5.27 12.15
CA ARG A 14 0.94 4.87 12.42
C ARG A 14 1.03 3.41 11.99
N GLY A 15 1.31 3.17 10.70
CA GLY A 15 1.08 1.85 10.16
C GLY A 15 2.26 1.24 9.46
N MET A 16 2.08 -0.04 9.13
CA MET A 16 3.12 -0.81 8.51
C MET A 16 2.50 -1.81 7.57
N THR A 17 3.06 -1.91 6.37
CA THR A 17 2.63 -2.92 5.42
C THR A 17 3.36 -4.23 5.70
N PHE A 18 2.61 -5.33 5.64
CA PHE A 18 3.05 -6.66 6.01
C PHE A 18 2.84 -7.68 4.90
N GLY A 19 3.89 -8.45 4.63
CA GLY A 19 3.72 -9.74 3.93
C GLY A 19 3.70 -9.74 2.42
N PHE A 20 3.98 -8.60 1.79
CA PHE A 20 4.01 -8.52 0.31
C PHE A 20 5.09 -9.47 -0.20
N VAL A 21 4.87 -10.17 -1.30
CA VAL A 21 3.74 -10.13 -2.25
C VAL A 21 2.61 -11.09 -1.92
N GLY A 22 2.66 -11.70 -0.76
CA GLY A 22 1.63 -12.61 -0.34
C GLY A 22 1.52 -13.82 -1.23
N GLN A 23 2.66 -14.48 -1.42
CA GLN A 23 2.69 -15.74 -2.14
C GLN A 23 1.98 -16.78 -1.32
N HIS A 24 1.29 -17.66 -2.04
CA HIS A 24 0.52 -18.72 -1.43
C HIS A 24 1.32 -19.47 -0.37
N GLY A 25 0.70 -19.65 0.79
CA GLY A 25 1.27 -20.39 1.93
C GLY A 25 2.20 -19.61 2.85
N THR A 26 2.69 -18.45 2.42
CA THR A 26 3.69 -17.77 3.23
C THR A 26 3.15 -17.17 4.53
N TRP A 27 1.88 -16.79 4.53
CA TRP A 27 1.29 -16.19 5.73
C TRP A 27 0.79 -17.22 6.76
N GLY A 28 0.66 -18.48 6.34
CA GLY A 28 0.31 -19.53 7.27
C GLY A 28 1.50 -20.15 8.00
N THR A 29 2.69 -19.62 7.80
CA THR A 29 3.88 -20.14 8.43
C THR A 29 4.06 -19.60 9.85
N ASP A 30 4.83 -20.36 10.62
CA ASP A 30 5.27 -19.94 11.95
C ASP A 30 6.02 -18.63 11.88
N GLU A 31 6.82 -18.49 10.80
CA GLU A 31 7.64 -17.31 10.60
C GLU A 31 6.76 -16.09 10.49
N ALA A 32 5.71 -16.22 9.69
CA ALA A 32 4.75 -15.11 9.48
C ALA A 32 4.11 -14.67 10.78
N ARG A 33 3.72 -15.62 11.59
CA ARG A 33 3.07 -15.32 12.87
C ARG A 33 4.04 -14.67 13.81
N ALA A 34 5.29 -15.12 13.83
CA ALA A 34 6.29 -14.47 14.63
C ALA A 34 6.59 -13.04 14.14
N SER A 35 6.64 -12.87 12.83
CA SER A 35 6.93 -11.56 12.26
C SER A 35 5.84 -10.57 12.62
N MET A 36 4.60 -11.03 12.52
CA MET A 36 3.43 -10.18 12.91
C MET A 36 3.48 -9.80 14.38
N ARG A 37 3.81 -10.74 15.24
CA ARG A 37 3.98 -10.42 16.65
C ARG A 37 5.06 -9.33 16.88
N ALA A 38 6.19 -9.42 16.17
CA ALA A 38 7.20 -8.37 16.27
C ALA A 38 6.68 -7.04 15.76
N LEU A 39 5.96 -7.09 14.65
CA LEU A 39 5.38 -5.86 14.10
C LEU A 39 4.49 -5.18 15.15
N ALA A 40 3.66 -5.97 15.84
CA ALA A 40 2.70 -5.39 16.81
C ALA A 40 3.40 -4.83 18.08
N GLU A 41 4.68 -5.15 18.29
CA GLU A 41 5.41 -4.53 19.39
C GLU A 41 5.98 -3.13 19.09
N GLN A 42 5.92 -2.72 17.82
CA GLN A 42 6.30 -1.39 17.39
C GLN A 42 5.15 -0.46 17.72
N PRO A 43 5.40 0.85 17.70
CA PRO A 43 4.34 1.85 18.03
C PRO A 43 3.40 2.10 16.83
N PHE A 44 2.75 1.03 16.40
CA PHE A 44 1.85 1.06 15.26
C PHE A 44 0.44 0.77 15.69
N ASN A 45 -0.49 1.51 15.12
CA ASN A 45 -1.88 1.22 15.32
C ASN A 45 -2.56 0.52 14.13
N TRP A 46 -1.87 0.43 13.00
CA TRP A 46 -2.39 -0.17 11.78
C TRP A 46 -1.36 -1.13 11.16
N VAL A 47 -1.89 -2.16 10.50
CA VAL A 47 -1.11 -3.00 9.57
C VAL A 47 -1.89 -3.10 8.28
N THR A 48 -1.18 -3.13 7.15
CA THR A 48 -1.79 -3.40 5.89
C THR A 48 -1.36 -4.78 5.44
N LEU A 49 -2.32 -5.63 5.14
CA LEU A 49 -2.01 -6.95 4.57
C LEU A 49 -2.07 -6.77 3.07
N ALA A 50 -0.89 -6.86 2.43
CA ALA A 50 -0.77 -6.55 1.01
C ALA A 50 -0.35 -7.80 0.27
N PHE A 51 -0.99 -8.01 -0.88
CA PHE A 51 -0.62 -9.12 -1.75
C PHE A 51 -0.95 -8.83 -3.19
N ALA A 52 -0.33 -9.56 -4.10
CA ALA A 52 -0.51 -9.33 -5.53
C ALA A 52 -0.96 -10.54 -6.29
N GLY A 53 -2.07 -10.37 -7.00
CA GLY A 53 -2.43 -11.23 -8.10
C GLY A 53 -1.50 -11.00 -9.27
N LEU A 54 -1.50 -11.93 -10.23
CA LEU A 54 -0.56 -11.85 -11.33
C LEU A 54 -1.25 -11.81 -12.68
N MET A 55 -0.82 -10.84 -13.47
CA MET A 55 -1.19 -10.74 -14.85
C MET A 55 -0.15 -11.41 -15.66
N GLU A 56 -0.65 -12.18 -16.61
CA GLU A 56 0.16 -12.91 -17.53
C GLU A 56 1.01 -11.92 -18.38
N HIS A 57 0.44 -10.81 -18.84
N HIS A 57 0.32 -10.86 -18.85
CA HIS A 57 1.24 -9.78 -19.48
CA HIS A 57 0.83 -9.88 -19.80
C HIS A 57 0.41 -8.52 -19.31
C HIS A 57 0.23 -8.48 -19.48
N PRO A 58 1.02 -7.37 -19.59
CA PRO A 58 0.38 -6.07 -19.28
C PRO A 58 -0.72 -5.64 -20.24
N GLY A 59 -0.87 -6.32 -21.36
CA GLY A 59 -1.97 -6.16 -22.29
C GLY A 59 -2.94 -7.32 -22.33
N ASP A 60 -2.86 -8.22 -21.33
CA ASP A 60 -3.80 -9.36 -21.19
C ASP A 60 -4.76 -9.07 -19.99
N PRO A 61 -6.09 -9.13 -20.23
CA PRO A 61 -6.99 -8.79 -19.12
C PRO A 61 -7.07 -9.82 -17.98
N ALA A 62 -6.46 -10.98 -18.16
CA ALA A 62 -6.53 -12.04 -17.17
C ALA A 62 -5.72 -11.71 -15.95
N ILE A 63 -6.27 -12.04 -14.79
CA ILE A 63 -5.61 -11.93 -13.51
C ILE A 63 -5.69 -13.24 -12.71
N ALA A 64 -4.52 -13.69 -12.25
CA ALA A 64 -4.42 -14.90 -11.44
C ALA A 64 -4.32 -14.51 -9.98
N TYR A 65 -5.29 -14.96 -9.19
CA TYR A 65 -5.23 -14.76 -7.75
C TYR A 65 -5.92 -15.90 -7.01
N GLY A 66 -5.77 -15.90 -5.69
CA GLY A 66 -6.10 -17.06 -4.90
C GLY A 66 -5.05 -18.16 -5.14
N PRO A 67 -5.21 -19.28 -4.47
CA PRO A 67 -4.33 -20.43 -4.64
C PRO A 67 -4.31 -20.80 -6.10
N PRO A 68 -3.16 -21.20 -6.63
CA PRO A 68 -1.87 -21.41 -5.99
C PRO A 68 -0.95 -20.19 -6.01
N VAL A 69 -1.43 -19.05 -6.50
CA VAL A 69 -0.61 -17.88 -6.70
C VAL A 69 -0.48 -17.09 -5.41
N THR A 70 -1.61 -16.64 -4.87
CA THR A 70 -1.58 -15.81 -3.67
C THR A 70 -1.96 -16.60 -2.41
N VAL A 71 -1.75 -15.93 -1.28
CA VAL A 71 -2.31 -16.37 -0.01
C VAL A 71 -3.79 -16.73 -0.20
N SER A 72 -4.21 -17.80 0.44
CA SER A 72 -5.59 -18.21 0.43
C SER A 72 -6.45 -17.26 1.25
N ASP A 73 -7.75 -17.34 1.02
CA ASP A 73 -8.66 -16.57 1.86
C ASP A 73 -8.44 -16.91 3.38
N ASP A 74 -8.24 -18.17 3.70
CA ASP A 74 -7.98 -18.59 5.09
C ASP A 74 -6.68 -18.00 5.66
N GLU A 75 -5.65 -17.90 4.82
CA GLU A 75 -4.40 -17.25 5.24
C GLU A 75 -4.63 -15.78 5.55
N ILE A 76 -5.41 -15.12 4.70
CA ILE A 76 -5.79 -13.72 4.94
C ILE A 76 -6.54 -13.60 6.27
N ALA A 77 -7.54 -14.43 6.46
CA ALA A 77 -8.29 -14.44 7.71
C ALA A 77 -7.42 -14.70 8.91
N SER A 78 -6.47 -15.64 8.78
CA SER A 78 -5.57 -15.91 9.89
C SER A 78 -4.74 -14.70 10.28
N MET A 79 -4.20 -14.01 9.28
CA MET A 79 -3.35 -12.85 9.58
C MET A 79 -4.19 -11.71 10.13
N ALA A 80 -5.37 -11.52 9.56
CA ALA A 80 -6.22 -10.46 10.09
C ALA A 80 -6.62 -10.73 11.54
N GLU A 81 -6.93 -11.99 11.84
CA GLU A 81 -7.39 -12.35 13.19
C GLU A 81 -6.27 -12.15 14.22
N LEU A 82 -5.05 -12.51 13.82
CA LEU A 82 -3.89 -12.33 14.65
C LEU A 82 -3.60 -10.83 14.87
N ALA A 83 -3.62 -10.05 13.79
CA ALA A 83 -3.39 -8.62 13.89
C ALA A 83 -4.43 -8.01 14.82
N HIS A 84 -5.69 -8.38 14.61
CA HIS A 84 -6.72 -7.80 15.45
C HIS A 84 -6.56 -8.18 16.92
N ALA A 85 -6.17 -9.42 17.17
CA ALA A 85 -5.98 -9.90 18.51
C ALA A 85 -4.80 -9.22 19.21
N LEU A 86 -3.88 -8.71 18.40
CA LEU A 86 -2.74 -7.94 18.89
C LEU A 86 -3.05 -6.43 19.00
N GLY A 87 -4.30 -6.04 18.71
CA GLY A 87 -4.71 -4.65 18.93
C GLY A 87 -4.50 -3.74 17.74
N LEU A 88 -4.11 -4.32 16.60
CA LEU A 88 -3.96 -3.54 15.37
C LEU A 88 -5.30 -3.36 14.61
N LYS A 89 -5.47 -2.22 13.95
CA LYS A 89 -6.45 -2.07 12.87
C LYS A 89 -5.79 -2.60 11.58
N VAL A 90 -6.61 -3.09 10.65
CA VAL A 90 -6.12 -3.83 9.49
C VAL A 90 -6.70 -3.25 8.22
N CYS A 91 -5.81 -2.90 7.28
CA CYS A 91 -6.21 -2.57 5.92
C CYS A 91 -5.90 -3.74 5.00
N LEU A 92 -6.86 -4.15 4.18
CA LEU A 92 -6.59 -5.21 3.18
C LEU A 92 -6.30 -4.56 1.85
N LYS A 93 -5.16 -4.98 1.23
CA LYS A 93 -4.68 -4.37 0.01
C LYS A 93 -4.32 -5.40 -1.03
N PRO A 94 -5.31 -5.86 -1.78
CA PRO A 94 -5.03 -6.65 -2.99
C PRO A 94 -4.53 -5.75 -4.11
N THR A 95 -3.51 -6.16 -4.86
CA THR A 95 -3.17 -5.46 -6.05
C THR A 95 -2.73 -6.46 -7.13
N VAL A 96 -2.18 -5.96 -8.23
CA VAL A 96 -1.70 -6.84 -9.32
C VAL A 96 -0.29 -6.48 -9.66
N ASN A 97 0.47 -7.53 -10.01
CA ASN A 97 1.76 -7.39 -10.67
C ASN A 97 1.72 -8.11 -12.00
N CYS A 98 2.68 -7.83 -12.85
CA CYS A 98 2.80 -8.54 -14.10
C CYS A 98 3.94 -9.53 -14.01
N ARG A 99 3.75 -10.74 -14.51
CA ARG A 99 4.78 -11.79 -14.55
C ARG A 99 6.10 -11.36 -15.23
N ASP A 100 5.96 -10.56 -16.30
CA ASP A 100 7.11 -10.04 -17.04
C ASP A 100 7.80 -8.83 -16.39
N GLY A 101 7.28 -8.39 -15.24
CA GLY A 101 7.96 -7.36 -14.47
C GLY A 101 7.46 -5.94 -14.76
N THR A 102 6.62 -5.76 -15.78
CA THR A 102 6.02 -4.47 -16.10
C THR A 102 5.30 -3.96 -14.86
N TRP A 103 5.54 -2.70 -14.57
CA TRP A 103 4.91 -2.04 -13.42
C TRP A 103 3.43 -1.95 -13.67
N ARG A 104 2.68 -2.20 -12.60
CA ARG A 104 1.21 -2.20 -12.70
C ARG A 104 0.65 -0.88 -13.22
N GLY A 105 1.38 0.19 -13.00
CA GLY A 105 0.99 1.51 -13.49
C GLY A 105 1.11 1.74 -14.98
N GLU A 106 1.58 0.71 -15.71
CA GLU A 106 1.79 0.81 -17.15
C GLU A 106 1.01 -0.23 -17.96
N ILE A 107 0.08 -0.93 -17.32
CA ILE A 107 -0.78 -1.85 -18.08
C ILE A 107 -1.60 -1.08 -19.11
N ARG A 108 -1.84 -1.72 -20.24
CA ARG A 108 -2.54 -1.05 -21.33
C ARG A 108 -3.15 -2.03 -22.30
N PHE A 109 -4.30 -1.65 -22.88
CA PHE A 109 -5.10 -2.51 -23.77
C PHE A 109 -5.35 -1.92 -25.13
N GLU A 110 -5.41 -2.80 -26.14
CA GLU A 110 -5.65 -2.42 -27.54
C GLU A 110 -6.98 -1.69 -27.75
N LYS A 111 -7.98 -2.05 -26.93
CA LYS A 111 -9.35 -1.59 -27.10
C LYS A 111 -9.88 -1.04 -25.76
N GLU A 112 -10.78 -0.07 -25.84
CA GLU A 112 -11.51 0.39 -24.66
C GLU A 112 -12.56 -0.62 -24.22
N HIS A 113 -13.36 -1.10 -25.18
CA HIS A 113 -14.50 -1.98 -24.84
C HIS A 113 -14.38 -3.33 -25.51
N GLY A 114 -15.21 -4.26 -25.02
CA GLY A 114 -15.32 -5.62 -25.51
C GLY A 114 -15.02 -6.60 -24.41
N PRO A 115 -16.05 -7.20 -23.77
CA PRO A 115 -15.82 -8.20 -22.72
C PRO A 115 -14.88 -9.36 -23.10
N ASP A 116 -14.87 -9.77 -24.36
CA ASP A 116 -14.02 -10.88 -24.78
C ASP A 116 -12.85 -10.44 -25.60
N LEU A 117 -12.64 -9.14 -25.66
CA LEU A 117 -11.48 -8.62 -26.36
C LEU A 117 -10.37 -8.26 -25.37
N GLU A 118 -9.20 -7.92 -25.89
CA GLU A 118 -8.10 -7.45 -25.05
CA GLU A 118 -8.13 -7.49 -25.01
C GLU A 118 -8.35 -5.98 -24.77
N SER A 119 -9.27 -5.71 -23.84
CA SER A 119 -9.80 -4.37 -23.63
C SER A 119 -9.74 -3.92 -22.17
N TRP A 120 -9.84 -2.59 -21.98
CA TRP A 120 -9.96 -2.05 -20.64
C TRP A 120 -11.22 -2.58 -19.96
N GLU A 121 -12.30 -2.72 -20.73
CA GLU A 121 -13.53 -3.27 -20.16
C GLU A 121 -13.31 -4.66 -19.60
N ALA A 122 -12.62 -5.49 -20.38
CA ALA A 122 -12.38 -6.84 -19.92
C ALA A 122 -11.46 -6.86 -18.69
N TRP A 123 -10.41 -6.03 -18.70
CA TRP A 123 -9.51 -5.99 -17.56
C TRP A 123 -10.24 -5.52 -16.31
N PHE A 124 -11.06 -4.47 -16.47
CA PHE A 124 -11.81 -4.02 -15.32
C PHE A 124 -12.81 -5.07 -14.82
N GLY A 125 -13.32 -5.91 -15.72
CA GLY A 125 -14.17 -7.01 -15.28
C GLY A 125 -13.40 -7.97 -14.39
N SER A 126 -12.21 -8.35 -14.84
CA SER A 126 -11.39 -9.25 -14.05
C SER A 126 -10.99 -8.61 -12.72
N TYR A 127 -10.60 -7.34 -12.80
CA TYR A 127 -10.15 -6.59 -11.62
C TYR A 127 -11.29 -6.33 -10.60
N SER A 128 -12.46 -6.01 -11.13
CA SER A 128 -13.62 -5.75 -10.27
C SER A 128 -14.06 -7.07 -9.58
N ASP A 129 -13.90 -8.18 -10.31
CA ASP A 129 -14.19 -9.49 -9.76
C ASP A 129 -13.22 -9.74 -8.56
N MET A 130 -11.94 -9.48 -8.78
CA MET A 130 -10.98 -9.64 -7.74
C MET A 130 -11.23 -8.72 -6.52
N MET A 131 -11.46 -7.42 -6.77
CA MET A 131 -11.68 -6.48 -5.67
C MET A 131 -12.96 -6.81 -4.90
N ALA A 132 -14.01 -7.18 -5.62
CA ALA A 132 -15.27 -7.56 -4.96
C ALA A 132 -15.07 -8.76 -4.04
N HIS A 133 -14.29 -9.74 -4.54
CA HIS A 133 -14.00 -10.93 -3.75
C HIS A 133 -13.28 -10.56 -2.47
N TYR A 134 -12.24 -9.73 -2.57
CA TYR A 134 -11.47 -9.39 -1.39
C TYR A 134 -12.12 -8.37 -0.50
N ALA A 135 -13.02 -7.56 -1.07
CA ALA A 135 -13.80 -6.62 -0.25
C ALA A 135 -14.72 -7.40 0.68
N HIS A 136 -15.26 -8.49 0.15
CA HIS A 136 -16.12 -9.39 0.92
C HIS A 136 -15.34 -10.09 2.03
N VAL A 137 -14.11 -10.53 1.71
CA VAL A 137 -13.22 -11.09 2.71
C VAL A 137 -12.88 -10.05 3.80
N ALA A 138 -12.63 -8.80 3.36
CA ALA A 138 -12.39 -7.70 4.29
C ALA A 138 -13.56 -7.49 5.27
N LYS A 139 -14.78 -7.58 4.75
CA LYS A 139 -15.95 -7.37 5.61
C LYS A 139 -16.07 -8.51 6.62
N ARG A 140 -15.97 -9.74 6.12
CA ARG A 140 -16.11 -10.90 6.99
C ARG A 140 -15.01 -11.04 8.07
N THR A 141 -13.82 -10.51 7.76
CA THR A 141 -12.67 -10.57 8.67
C THR A 141 -12.53 -9.30 9.52
N GLY A 142 -13.47 -8.37 9.34
CA GLY A 142 -13.50 -7.17 10.17
C GLY A 142 -12.41 -6.15 9.88
N CYS A 143 -11.88 -6.19 8.66
CA CYS A 143 -10.83 -5.24 8.33
C CYS A 143 -11.43 -3.83 8.27
N GLU A 144 -10.75 -2.92 8.96
CA GLU A 144 -11.19 -1.54 9.13
C GLU A 144 -11.00 -0.67 7.88
N MET A 145 -10.14 -1.11 6.97
CA MET A 145 -9.96 -0.41 5.69
C MET A 145 -9.73 -1.40 4.56
N PHE A 146 -10.07 -0.97 3.35
CA PHE A 146 -9.89 -1.70 2.13
C PHE A 146 -9.32 -0.74 1.10
N CYS A 147 -8.25 -1.17 0.44
CA CYS A 147 -7.62 -0.37 -0.59
C CYS A 147 -7.96 -0.93 -1.94
N VAL A 148 -8.67 -0.14 -2.73
CA VAL A 148 -9.24 -0.60 -4.02
CA VAL A 148 -9.24 -0.64 -3.99
C VAL A 148 -8.27 -0.58 -5.18
N GLY A 149 -7.14 0.02 -5.00
CA GLY A 149 -6.11 -0.04 -6.05
C GLY A 149 -4.86 0.66 -5.62
N CYS A 150 -3.78 0.35 -6.35
CA CYS A 150 -2.45 0.79 -6.03
C CYS A 150 -1.75 1.19 -7.33
N GLU A 151 -1.41 2.47 -7.46
CA GLU A 151 -0.47 2.96 -8.48
C GLU A 151 -0.89 2.71 -9.91
N MET A 152 -2.20 2.65 -10.15
CA MET A 152 -2.74 2.27 -11.46
C MET A 152 -2.81 3.46 -12.44
N THR A 153 -1.65 4.07 -12.72
CA THR A 153 -1.62 5.31 -13.46
C THR A 153 -2.31 5.24 -14.80
N THR A 154 -2.04 4.21 -15.58
CA THR A 154 -2.71 4.09 -16.87
C THR A 154 -4.21 3.81 -16.76
N ALA A 155 -4.61 3.18 -15.65
CA ALA A 155 -6.03 2.83 -15.47
C ALA A 155 -6.86 4.04 -15.01
N GLU A 156 -6.20 4.97 -14.33
CA GLU A 156 -6.86 6.11 -13.71
C GLU A 156 -7.78 6.93 -14.62
N PRO A 157 -7.39 7.19 -15.88
CA PRO A 157 -8.29 7.96 -16.76
C PRO A 157 -9.61 7.28 -17.10
N HIS A 158 -9.72 5.98 -16.83
CA HIS A 158 -10.97 5.21 -17.07
C HIS A 158 -11.86 5.39 -15.86
N GLU A 159 -12.39 6.61 -15.75
CA GLU A 159 -13.05 7.07 -14.54
CA GLU A 159 -13.05 7.06 -14.53
C GLU A 159 -14.36 6.30 -14.27
N ALA A 160 -15.19 6.17 -15.28
CA ALA A 160 -16.46 5.47 -15.15
C ALA A 160 -16.20 4.01 -14.75
N MET A 161 -15.16 3.39 -15.31
CA MET A 161 -14.88 2.04 -14.92
C MET A 161 -14.41 1.94 -13.47
N TRP A 162 -13.60 2.91 -13.01
CA TRP A 162 -13.19 2.92 -11.60
C TRP A 162 -14.39 3.12 -10.67
N ARG A 163 -15.30 3.99 -11.08
CA ARG A 163 -16.51 4.24 -10.25
C ARG A 163 -17.41 3.00 -10.17
N GLU A 164 -17.54 2.25 -11.28
CA GLU A 164 -18.20 0.92 -11.23
C GLU A 164 -17.53 -0.01 -10.25
N THR A 165 -16.20 -0.08 -10.30
CA THR A 165 -15.48 -1.00 -9.43
C THR A 165 -15.69 -0.64 -7.95
N ILE A 166 -15.59 0.65 -7.67
CA ILE A 166 -15.76 1.16 -6.29
C ILE A 166 -17.18 0.94 -5.79
N ALA A 167 -18.16 1.18 -6.66
CA ALA A 167 -19.53 0.97 -6.28
C ALA A 167 -19.76 -0.49 -5.91
N ARG A 168 -19.16 -1.39 -6.66
CA ARG A 168 -19.33 -2.81 -6.35
C ARG A 168 -18.65 -3.16 -5.02
N VAL A 169 -17.44 -2.65 -4.80
CA VAL A 169 -16.82 -2.81 -3.51
C VAL A 169 -17.71 -2.32 -2.35
N ARG A 170 -18.39 -1.21 -2.54
CA ARG A 170 -19.27 -0.68 -1.49
C ARG A 170 -20.42 -1.64 -1.18
N THR A 171 -20.84 -2.43 -2.16
CA THR A 171 -21.92 -3.42 -1.91
C THR A 171 -21.46 -4.54 -0.97
N GLU A 172 -20.14 -4.79 -0.98
CA GLU A 172 -19.51 -5.92 -0.31
C GLU A 172 -18.83 -5.56 0.99
N TYR A 173 -18.69 -4.25 1.24
CA TYR A 173 -17.80 -3.81 2.30
C TYR A 173 -18.26 -2.45 2.85
N ASP A 174 -18.36 -2.36 4.18
CA ASP A 174 -18.93 -1.21 4.88
C ASP A 174 -17.86 -0.31 5.52
N GLY A 175 -16.57 -0.70 5.42
CA GLY A 175 -15.52 0.02 6.12
C GLY A 175 -14.95 1.16 5.32
N LEU A 176 -13.80 1.68 5.76
CA LEU A 176 -13.15 2.77 5.03
C LEU A 176 -12.56 2.27 3.73
N VAL A 177 -12.68 3.06 2.69
CA VAL A 177 -12.19 2.73 1.37
C VAL A 177 -11.21 3.80 0.94
N THR A 178 -10.03 3.37 0.52
CA THR A 178 -9.08 4.28 -0.10
C THR A 178 -8.67 3.74 -1.47
N TYR A 179 -8.17 4.64 -2.32
CA TYR A 179 -7.40 4.27 -3.53
C TYR A 179 -6.03 4.90 -3.29
N ASN A 180 -4.98 4.12 -3.59
CA ASN A 180 -3.58 4.50 -3.41
C ASN A 180 -3.01 4.85 -4.75
N CYS A 181 -2.84 6.13 -5.04
CA CYS A 181 -2.22 6.54 -6.31
C CYS A 181 -0.71 6.56 -6.18
N ASN A 182 -0.03 6.63 -7.30
CA ASN A 182 1.43 6.83 -7.25
C ASN A 182 1.81 8.26 -6.82
N HIS A 183 3.01 8.42 -6.26
CA HIS A 183 3.55 9.76 -6.06
C HIS A 183 3.47 10.55 -7.37
N GLY A 184 3.13 11.85 -7.24
CA GLY A 184 2.93 12.70 -8.39
C GLY A 184 1.58 12.60 -9.07
N ARG A 185 0.70 11.72 -8.54
CA ARG A 185 -0.64 11.56 -9.16
C ARG A 185 -1.74 12.06 -8.29
N GLU A 186 -1.40 12.54 -7.11
CA GLU A 186 -2.42 12.98 -6.13
C GLU A 186 -3.36 14.00 -6.72
N GLU A 187 -2.81 14.94 -7.47
CA GLU A 187 -3.61 16.01 -8.05
C GLU A 187 -4.28 15.63 -9.36
N HIS A 188 -3.97 14.44 -9.89
CA HIS A 188 -4.45 14.05 -11.20
C HIS A 188 -5.64 13.09 -11.21
N VAL A 189 -5.85 12.38 -10.12
CA VAL A 189 -6.92 11.41 -10.02
C VAL A 189 -8.26 12.17 -9.95
N ARG A 190 -9.24 11.71 -10.71
CA ARG A 190 -10.49 12.41 -10.85
C ARG A 190 -11.66 11.77 -10.13
N PHE A 191 -11.43 10.69 -9.39
CA PHE A 191 -12.50 9.98 -8.69
C PHE A 191 -12.30 9.93 -7.17
N TRP A 192 -11.57 10.91 -6.60
CA TRP A 192 -11.36 10.93 -5.15
C TRP A 192 -12.69 11.05 -4.38
N ASP A 193 -13.69 11.69 -4.98
CA ASP A 193 -14.99 11.75 -4.32
C ASP A 193 -15.62 10.38 -4.05
N ALA A 194 -15.20 9.33 -4.74
CA ALA A 194 -15.75 8.01 -4.58
C ALA A 194 -15.11 7.23 -3.46
N VAL A 195 -14.03 7.77 -2.88
CA VAL A 195 -13.41 7.10 -1.77
C VAL A 195 -13.45 7.92 -0.48
N ASP A 196 -13.18 7.28 0.64
CA ASP A 196 -13.21 7.98 1.95
C ASP A 196 -11.95 8.75 2.27
N LEU A 197 -10.83 8.20 1.82
CA LEU A 197 -9.51 8.74 2.11
C LEU A 197 -8.67 8.76 0.86
N ILE A 198 -7.97 9.85 0.66
CA ILE A 198 -7.00 9.96 -0.44
C ILE A 198 -5.70 9.36 0.08
N SER A 199 -5.05 8.49 -0.72
CA SER A 199 -3.71 8.01 -0.32
C SER A 199 -2.78 7.86 -1.48
N SER A 200 -1.47 7.91 -1.15
CA SER A 200 -0.49 7.79 -2.21
C SER A 200 0.72 6.99 -1.77
N SER A 201 1.48 6.55 -2.78
CA SER A 201 2.78 5.89 -2.59
C SER A 201 3.79 7.00 -2.63
N ALA A 202 4.03 7.58 -1.47
CA ALA A 202 4.72 8.85 -1.34
C ALA A 202 6.23 8.67 -1.27
N TYR A 203 6.77 8.05 -2.31
CA TYR A 203 8.22 7.85 -2.44
C TYR A 203 8.91 9.09 -3.03
N TYR A 204 8.83 10.19 -2.30
CA TYR A 204 9.45 11.43 -2.70
C TYR A 204 10.92 11.40 -2.28
N PRO A 205 11.84 11.75 -3.21
CA PRO A 205 13.23 11.84 -2.83
C PRO A 205 13.40 12.82 -1.67
N ILE A 206 14.43 12.60 -0.85
CA ILE A 206 14.71 13.45 0.30
C ILE A 206 14.57 14.96 -0.04
N ASP A 207 15.16 15.36 -1.17
CA ASP A 207 15.23 16.76 -1.59
C ASP A 207 13.89 17.40 -1.99
N ARG A 208 12.88 16.57 -2.20
CA ARG A 208 11.63 16.96 -2.83
C ARG A 208 10.49 17.15 -1.80
N TRP A 209 10.70 16.70 -0.57
CA TRP A 209 9.62 16.68 0.41
C TRP A 209 9.04 18.04 0.69
N ARG A 210 9.89 19.00 1.04
CA ARG A 210 9.39 20.29 1.49
C ARG A 210 8.62 21.00 0.36
N ASP A 211 9.08 20.88 -0.88
CA ASP A 211 8.40 21.53 -2.02
C ASP A 211 7.10 20.82 -2.42
N ARG A 212 6.97 19.55 -2.08
CA ARG A 212 5.78 18.78 -2.41
C ARG A 212 4.60 18.96 -1.47
N VAL A 213 4.89 19.26 -0.21
CA VAL A 213 3.87 19.38 0.81
C VAL A 213 2.73 20.33 0.42
N PRO A 214 3.03 21.50 -0.18
CA PRO A 214 1.91 22.39 -0.46
C PRO A 214 0.89 21.82 -1.41
N VAL A 215 1.34 21.02 -2.37
CA VAL A 215 0.41 20.43 -3.32
C VAL A 215 -0.42 19.35 -2.62
N LEU A 216 0.19 18.60 -1.72
CA LEU A 216 -0.54 17.58 -0.98
C LEU A 216 -1.64 18.23 -0.14
N ARG A 217 -1.29 19.33 0.53
CA ARG A 217 -2.30 20.08 1.30
C ARG A 217 -3.41 20.54 0.38
N GLU A 218 -3.04 21.10 -0.75
CA GLU A 218 -4.03 21.63 -1.70
C GLU A 218 -4.97 20.56 -2.24
N VAL A 219 -4.43 19.37 -2.49
CA VAL A 219 -5.26 18.27 -2.97
C VAL A 219 -6.26 17.86 -1.88
N ALA A 220 -5.79 17.67 -0.66
CA ALA A 220 -6.72 17.33 0.43
C ALA A 220 -7.80 18.39 0.58
N GLU A 221 -7.39 19.65 0.59
CA GLU A 221 -8.35 20.72 0.82
C GLU A 221 -9.30 20.88 -0.36
N ALA A 222 -8.79 20.73 -1.59
CA ALA A 222 -9.60 20.81 -2.79
C ALA A 222 -10.70 19.78 -2.83
N HIS A 223 -10.39 18.56 -2.42
CA HIS A 223 -11.32 17.45 -2.46
C HIS A 223 -12.08 17.26 -1.17
N GLU A 224 -11.74 18.04 -0.15
CA GLU A 224 -12.36 17.97 1.19
C GLU A 224 -12.33 16.53 1.72
N LYS A 225 -11.17 15.91 1.60
CA LYS A 225 -10.94 14.56 2.08
C LYS A 225 -9.61 14.56 2.80
N PRO A 226 -9.47 13.72 3.85
CA PRO A 226 -8.11 13.58 4.37
C PRO A 226 -7.21 12.80 3.43
N LEU A 227 -5.93 13.03 3.61
CA LEU A 227 -4.91 12.41 2.78
C LEU A 227 -3.88 11.70 3.67
N PHE A 228 -3.50 10.47 3.29
CA PHE A 228 -2.41 9.82 3.98
C PHE A 228 -1.57 9.03 2.99
N PHE A 229 -0.45 8.49 3.48
CA PHE A 229 0.43 7.75 2.62
C PHE A 229 0.19 6.23 2.79
N MET A 230 -0.41 5.62 1.77
CA MET A 230 -0.61 4.15 1.77
C MET A 230 0.69 3.37 1.59
N GLU A 231 1.71 3.98 1.00
CA GLU A 231 3.06 3.46 1.07
C GLU A 231 4.03 4.61 1.23
N VAL A 232 5.02 4.40 2.08
CA VAL A 232 6.17 5.29 2.10
C VAL A 232 7.28 4.58 2.82
N GLY A 233 8.50 4.76 2.30
CA GLY A 233 9.65 4.10 2.88
C GLY A 233 10.84 4.24 1.98
N CYS A 234 11.93 3.62 2.40
CA CYS A 234 13.20 3.75 1.70
C CYS A 234 14.06 2.54 2.09
N PRO A 235 14.73 1.94 1.11
CA PRO A 235 15.68 0.87 1.45
C PRO A 235 16.90 1.39 2.17
N SER A 236 17.49 0.54 3.00
CA SER A 236 18.77 0.83 3.63
C SER A 236 19.93 0.50 2.67
N ARG A 237 19.98 1.27 1.59
CA ARG A 237 21.05 1.16 0.60
CA ARG A 237 21.06 1.17 0.62
C ARG A 237 21.56 2.56 0.25
N SER A 238 22.83 2.61 -0.11
CA SER A 238 23.47 3.85 -0.44
C SER A 238 22.77 4.56 -1.60
N GLY A 239 22.55 5.86 -1.46
CA GLY A 239 21.92 6.68 -2.50
C GLY A 239 20.40 6.53 -2.62
N SER A 240 19.82 5.57 -1.89
CA SER A 240 18.40 5.24 -2.04
C SER A 240 17.44 6.40 -1.74
N GLY A 241 17.87 7.36 -0.93
CA GLY A 241 16.96 8.47 -0.58
C GLY A 241 16.65 9.39 -1.76
N ALA A 242 17.49 9.29 -2.81
CA ALA A 242 17.25 9.98 -4.10
C ALA A 242 16.24 9.22 -4.98
N CYS A 243 16.10 7.92 -4.75
CA CYS A 243 15.14 7.10 -5.49
C CYS A 243 14.45 6.07 -4.59
N PRO A 244 13.61 6.55 -3.65
CA PRO A 244 13.18 5.66 -2.58
C PRO A 244 12.23 4.55 -3.03
N TRP A 245 11.62 4.73 -4.19
CA TRP A 245 10.71 3.75 -4.79
C TRP A 245 11.43 2.53 -5.35
N ASP A 246 12.76 2.61 -5.52
CA ASP A 246 13.48 1.58 -6.28
C ASP A 246 13.96 0.46 -5.38
N TYR A 247 13.31 -0.71 -5.48
CA TYR A 247 13.70 -1.89 -4.68
C TYR A 247 14.87 -2.69 -5.26
N ARG A 248 15.38 -2.27 -6.41
CA ARG A 248 16.51 -2.95 -7.09
C ARG A 248 17.71 -1.96 -7.32
N HIS A 249 17.86 -1.02 -6.38
CA HIS A 249 18.89 -0.01 -6.46
C HIS A 249 20.24 -0.66 -6.13
N PRO A 250 21.21 -0.67 -7.09
CA PRO A 250 22.54 -1.17 -6.71
C PRO A 250 23.15 -0.25 -5.66
N GLY A 251 23.85 -0.83 -4.67
CA GLY A 251 24.53 -0.05 -3.65
C GLY A 251 24.90 -0.84 -2.41
N ALA A 252 25.81 -0.29 -1.63
CA ALA A 252 26.18 -0.87 -0.35
C ALA A 252 24.97 -0.77 0.57
N VAL A 253 24.86 -1.70 1.52
CA VAL A 253 23.95 -1.51 2.64
C VAL A 253 24.31 -0.20 3.34
N CYS A 254 23.30 0.65 3.62
CA CYS A 254 23.55 1.91 4.27
C CYS A 254 22.36 2.21 5.17
N LEU A 255 22.49 1.86 6.43
CA LEU A 255 21.41 2.04 7.39
C LEU A 255 21.11 3.53 7.58
N ASP A 256 22.17 4.35 7.57
CA ASP A 256 22.03 5.79 7.81
C ASP A 256 21.20 6.48 6.72
N GLU A 257 21.26 5.96 5.49
CA GLU A 257 20.53 6.57 4.36
C GLU A 257 19.03 6.44 4.58
N GLN A 258 18.61 5.26 5.00
CA GLN A 258 17.20 5.02 5.32
C GLN A 258 16.77 5.96 6.45
N ALA A 259 17.61 6.14 7.47
CA ALA A 259 17.29 7.06 8.56
C ALA A 259 17.12 8.50 8.05
N ARG A 260 18.03 8.94 7.17
CA ARG A 260 17.99 10.30 6.59
C ARG A 260 16.67 10.50 5.84
N PHE A 261 16.23 9.48 5.10
CA PHE A 261 14.92 9.58 4.42
C PHE A 261 13.81 9.83 5.44
N TYR A 262 13.76 9.01 6.50
CA TYR A 262 12.67 9.15 7.51
C TYR A 262 12.75 10.51 8.21
N GLU A 263 13.96 10.94 8.57
CA GLU A 263 14.13 12.28 9.16
C GLU A 263 13.57 13.38 8.25
N ALA A 264 13.89 13.30 6.95
CA ALA A 264 13.45 14.32 6.01
C ALA A 264 11.93 14.36 5.85
N MET A 265 11.34 13.17 5.77
CA MET A 265 9.91 13.05 5.67
C MET A 265 9.22 13.61 6.90
N PHE A 266 9.61 13.17 8.09
CA PHE A 266 8.99 13.69 9.32
C PHE A 266 9.23 15.17 9.49
N ALA A 267 10.40 15.68 9.10
CA ALA A 267 10.65 17.13 9.23
C ALA A 267 9.73 17.93 8.32
N ALA A 268 9.48 17.37 7.13
CA ALA A 268 8.67 18.08 6.12
C ALA A 268 7.15 18.12 6.40
N MET A 269 6.59 17.06 6.99
CA MET A 269 5.14 16.93 7.08
C MET A 269 4.62 17.75 8.25
N PRO A 270 3.64 18.63 8.02
CA PRO A 270 3.18 19.47 9.11
C PRO A 270 2.17 18.77 10.02
N ASP A 271 1.89 19.36 11.18
CA ASP A 271 0.89 18.81 12.07
C ASP A 271 -0.40 19.54 11.76
N GLU A 272 -1.04 19.10 10.67
CA GLU A 272 -2.28 19.74 10.22
C GLU A 272 -3.35 18.68 10.00
N PRO A 273 -4.63 19.04 10.24
CA PRO A 273 -5.71 18.02 10.25
C PRO A 273 -5.97 17.25 8.93
N TRP A 274 -5.58 17.84 7.80
CA TRP A 274 -5.77 17.19 6.49
C TRP A 274 -4.89 15.97 6.27
N PHE A 275 -3.82 15.88 7.04
CA PHE A 275 -2.87 14.76 6.88
C PHE A 275 -3.13 13.70 7.96
N LYS A 276 -3.38 12.48 7.51
CA LYS A 276 -3.79 11.43 8.41
C LYS A 276 -2.77 10.28 8.56
N GLY A 277 -1.55 10.49 8.07
CA GLY A 277 -0.43 9.68 8.54
C GLY A 277 0.19 8.75 7.55
N TYR A 278 0.76 7.68 8.13
CA TYR A 278 1.79 6.91 7.45
C TYR A 278 1.54 5.40 7.48
N MET A 279 1.42 4.80 6.29
CA MET A 279 1.43 3.35 6.16
C MET A 279 2.80 2.99 5.59
N LEU A 280 3.71 2.61 6.48
CA LEU A 280 5.07 2.41 6.07
C LEU A 280 5.24 1.17 5.21
N TRP A 281 6.24 1.27 4.36
CA TRP A 281 6.59 0.19 3.45
C TRP A 281 8.01 -0.22 3.81
N GLU A 282 8.26 -1.45 4.24
CA GLU A 282 7.33 -2.55 4.46
C GLU A 282 7.98 -3.52 5.50
N TRP A 283 7.27 -4.58 5.81
CA TRP A 283 7.68 -5.57 6.79
C TRP A 283 7.49 -6.96 6.18
N PRO A 284 8.53 -7.80 6.26
CA PRO A 284 8.49 -9.09 5.61
C PRO A 284 7.76 -10.14 6.43
N TRP A 285 7.18 -11.15 5.78
CA TRP A 285 6.58 -12.26 6.54
C TRP A 285 7.66 -13.09 7.22
N LYS A 286 8.87 -13.14 6.64
CA LYS A 286 10.00 -13.79 7.29
C LYS A 286 10.97 -12.72 7.77
N LEU A 287 10.97 -12.47 9.07
CA LEU A 287 11.72 -11.37 9.64
C LEU A 287 13.07 -11.85 10.09
N TYR A 288 14.07 -11.07 9.73
CA TYR A 288 15.44 -11.34 10.16
C TYR A 288 15.61 -11.00 11.67
N PRO A 289 16.55 -11.67 12.35
CA PRO A 289 16.85 -11.32 13.74
C PRO A 289 17.46 -9.91 13.79
N ARG A 290 17.24 -9.21 14.88
CA ARG A 290 17.69 -7.83 15.01
C ARG A 290 19.17 -7.63 14.67
N GLU A 291 20.02 -8.55 15.13
CA GLU A 291 21.45 -8.42 14.90
C GLU A 291 21.83 -8.48 13.41
N ALA A 292 20.95 -9.06 12.58
CA ALA A 292 21.22 -9.20 11.15
C ALA A 292 20.80 -7.96 10.36
N ALA A 293 20.29 -6.95 11.06
CA ALA A 293 19.77 -5.71 10.41
C ALA A 293 20.85 -4.99 9.60
N SER A 294 22.09 -5.08 10.08
CA SER A 294 23.27 -4.43 9.42
C SER A 294 23.59 -5.03 8.03
N GLU A 295 23.16 -6.26 7.76
CA GLU A 295 23.37 -6.90 6.47
C GLU A 295 22.14 -6.78 5.59
N ASP A 296 21.10 -6.12 6.10
CA ASP A 296 19.85 -6.02 5.36
C ASP A 296 19.71 -4.71 4.57
N GLY A 297 19.48 -4.83 3.25
CA GLY A 297 19.39 -3.70 2.35
C GLY A 297 17.94 -3.38 1.96
N SER A 298 16.96 -3.97 2.69
CA SER A 298 15.52 -3.90 2.34
C SER A 298 14.86 -2.66 2.90
N TYR A 299 13.56 -2.53 2.64
CA TYR A 299 12.77 -1.43 3.20
C TYR A 299 12.49 -1.58 4.68
N CYS A 300 12.66 -2.77 5.22
CA CYS A 300 12.33 -3.01 6.64
C CYS A 300 13.17 -2.12 7.56
N ILE A 301 12.54 -1.46 8.54
CA ILE A 301 13.24 -0.62 9.50
C ILE A 301 13.74 -1.35 10.77
N TYR A 302 13.28 -2.59 10.96
CA TYR A 302 13.56 -3.39 12.16
C TYR A 302 15.04 -3.53 12.41
N GLY A 303 15.46 -3.13 13.59
CA GLY A 303 16.84 -3.23 14.02
C GLY A 303 17.81 -2.21 13.42
N LYS A 304 17.25 -1.20 12.74
CA LYS A 304 18.00 -0.12 12.11
C LYS A 304 17.72 1.21 12.79
N PRO A 305 18.57 2.23 12.53
CA PRO A 305 18.31 3.51 13.17
C PRO A 305 16.94 4.11 12.80
N ALA A 306 16.44 3.82 11.61
CA ALA A 306 15.08 4.31 11.26
C ALA A 306 14.02 3.81 12.21
N GLU A 307 14.21 2.64 12.79
CA GLU A 307 13.23 2.13 13.78
C GLU A 307 13.06 3.13 14.91
N ASP A 308 14.19 3.66 15.41
CA ASP A 308 14.17 4.67 16.48
C ASP A 308 13.65 6.02 15.98
N VAL A 309 13.99 6.41 14.74
CA VAL A 309 13.44 7.67 14.18
C VAL A 309 11.92 7.58 14.17
N VAL A 310 11.42 6.46 13.65
CA VAL A 310 10.00 6.21 13.63
C VAL A 310 9.38 6.16 15.04
N ALA A 311 10.06 5.49 15.95
CA ALA A 311 9.62 5.44 17.34
C ALA A 311 9.48 6.84 17.93
N ARG A 312 10.52 7.66 17.77
CA ARG A 312 10.49 9.03 18.30
C ARG A 312 9.31 9.83 17.73
N ALA A 313 9.08 9.67 16.40
CA ALA A 313 7.96 10.40 15.77
C ALA A 313 6.59 9.83 16.21
N PHE A 314 6.43 8.50 16.16
CA PHE A 314 5.12 7.86 16.41
C PHE A 314 4.67 7.86 17.87
N SER A 315 5.59 7.75 18.80
CA SER A 315 5.21 7.66 20.21
C SER A 315 4.71 9.04 20.67
N ALA A 316 5.39 10.05 20.18
CA ALA A 316 5.04 11.46 20.39
C ALA A 316 3.71 11.87 19.66
N ILE A 317 3.47 11.31 18.47
CA ILE A 317 2.19 11.53 17.74
C ILE A 317 1.00 11.06 18.62
N ALA A 318 1.17 9.86 19.20
CA ALA A 318 0.28 9.33 20.25
C ALA A 318 0.87 8.02 20.72
C1 MVL B . 5.78 -0.06 -4.36
N10 MVL B . 7.08 0.04 -4.13
C3 MVL B . 5.82 -2.51 -4.27
C4 MVL B . 7.33 -2.33 -4.01
C5 MVL B . 7.69 -1.00 -3.32
C6 MVL B . 9.19 -0.72 -3.16
C7 MVL B . 6.51 1.75 -5.34
C8 MVL B . 7.58 1.16 -4.69
N1 MVL B . 5.41 0.99 -5.10
O3 MVL B . 5.53 -2.76 -5.64
O2 MVL B . 3.71 -1.35 -4.39
C2 MVL B . 5.03 -1.26 -3.85
O6 MVL B . 9.90 -0.71 -4.41
C1 BMA C . 8.48 -4.36 -3.75
C2 BMA C . 9.23 -5.25 -2.76
C3 BMA C . 9.77 -6.46 -3.53
C4 BMA C . 8.65 -7.09 -4.34
C5 BMA C . 8.01 -6.06 -5.28
C6 BMA C . 6.97 -6.65 -6.23
O1 BMA C . 7.94 -3.26 -3.05
O2 BMA C . 8.45 -5.80 -1.73
O3 BMA C . 10.36 -7.42 -2.64
O4 BMA C . 9.28 -8.08 -5.13
O5 BMA C . 7.43 -5.06 -4.42
O6 BMA C . 6.12 -5.61 -6.75
#